data_7PPL
#
_entry.id   7PPL
#
_cell.length_a   54.886
_cell.length_b   81.802
_cell.length_c   147.629
_cell.angle_alpha   90.000
_cell.angle_beta   90.000
_cell.angle_gamma   90.000
#
_symmetry.space_group_name_H-M   'C 2 2 21'
#
loop_
_entity.id
_entity.type
_entity.pdbx_description
1 polymer 'Tyrosine-protein phosphatase non-receptor type 11,Tyrosine-protein phosphatase non-receptor type 11'
2 polymer 'Insulin receptor substrate 1'
3 non-polymer GLYCEROL
4 non-polymer ETHANOL
5 water water
#
loop_
_entity_poly.entity_id
_entity_poly.type
_entity_poly.pdbx_seq_one_letter_code
_entity_poly.pdbx_strand_id
1 'polypeptide(L)'
;GSGSGFWEEFETLQQQECKLLYSRKEGQRQENKNKNRYKNILPFDHTRVVLHDGDPNEPVSDYINANIIMPEFGSSGKKS
YIATQGCLQNTVNDFWRMVFQENSRVIVMTTKEVERGKSKCVKYWPDEYALKEYGVMRVRNVKESAAHDYTLRELKLSKV
GQGNTERTVWQYHFRTWPDHGVPSDPGGVLDFLEEVHHKQESIMDAGPVVVHSSAGIGRTGTFIVIDILIDIIREKGVDC
DIDVPKTIQMVRSQRSGMVQTEAQYRFIYMAVQHYIETLQRR
;
A
2 'polypeptide(L)' GRKGSGD(PTR)MPM(SEP)PKS B
#
loop_
_chem_comp.id
_chem_comp.type
_chem_comp.name
_chem_comp.formula
EOH non-polymer ETHANOL 'C2 H6 O'
GOL non-polymer GLYCEROL 'C3 H8 O3'
#
# COMPACT_ATOMS: atom_id res chain seq x y z
N SER A 4 19.40 -21.60 8.01
CA SER A 4 18.67 -20.91 6.94
C SER A 4 19.25 -19.52 6.69
N GLY A 5 19.60 -19.24 5.44
CA GLY A 5 20.02 -17.90 5.08
C GLY A 5 18.90 -16.89 5.25
N PHE A 6 17.68 -17.26 4.84
CA PHE A 6 16.51 -16.40 5.00
C PHE A 6 16.19 -16.16 6.48
N TRP A 7 16.12 -17.24 7.28
CA TRP A 7 15.74 -17.09 8.68
C TRP A 7 16.65 -16.10 9.39
N GLU A 8 17.98 -16.26 9.22
CA GLU A 8 18.92 -15.38 9.89
C GLU A 8 18.87 -13.98 9.32
N GLU A 9 18.71 -13.83 8.00
CA GLU A 9 18.52 -12.49 7.46
C GLU A 9 17.27 -11.85 8.04
N PHE A 10 16.16 -12.61 8.07
CA PHE A 10 14.91 -11.99 8.53
C PHE A 10 14.97 -11.71 10.02
N GLU A 11 15.53 -12.66 10.79
CA GLU A 11 15.69 -12.46 12.24
C GLU A 11 16.60 -11.27 12.55
N THR A 12 17.69 -11.09 11.80
CA THR A 12 18.53 -9.91 11.99
C THR A 12 17.70 -8.65 11.83
N LEU A 13 16.86 -8.60 10.79
CA LEU A 13 16.03 -7.41 10.58
C LEU A 13 15.05 -7.23 11.72
N GLN A 14 14.42 -8.33 12.17
CA GLN A 14 13.43 -8.25 13.24
C GLN A 14 14.08 -7.78 14.53
N GLN A 15 15.34 -8.15 14.78
CA GLN A 15 16.04 -7.66 15.96
C GLN A 15 16.24 -6.17 15.89
N GLN A 16 16.59 -5.65 14.70
CA GLN A 16 16.80 -4.21 14.51
C GLN A 16 15.56 -3.37 14.80
N GLU A 17 14.36 -3.95 14.86
CA GLU A 17 13.15 -3.22 15.22
C GLU A 17 12.70 -3.49 16.67
N CYS A 18 13.51 -4.24 17.43
CA CYS A 18 13.27 -4.45 18.86
C CYS A 18 14.01 -3.39 19.68
N LYS A 19 13.59 -2.14 19.48
CA LYS A 19 14.27 -0.98 20.03
C LYS A 19 13.31 0.20 19.94
N LEU A 20 13.70 1.34 20.51
CA LEU A 20 12.89 2.53 20.36
C LEU A 20 13.01 3.04 18.91
N LEU A 21 11.88 3.23 18.26
CA LEU A 21 11.91 3.72 16.88
C LEU A 21 11.47 5.19 16.87
N TYR A 22 11.38 5.75 15.68
CA TYR A 22 10.96 7.14 15.54
C TYR A 22 9.58 7.38 16.15
N SER A 23 9.32 8.65 16.48
CA SER A 23 8.10 9.08 17.13
C SER A 23 6.87 8.72 16.28
N ARG A 24 5.82 8.31 16.97
CA ARG A 24 4.51 8.00 16.41
C ARG A 24 3.43 8.73 17.19
N LYS A 25 3.69 9.97 17.59
CA LYS A 25 2.81 10.61 18.57
C LYS A 25 1.46 10.97 17.98
N GLU A 26 1.42 11.44 16.71
CA GLU A 26 0.15 11.90 16.17
C GLU A 26 -0.84 10.74 16.18
N GLY A 27 -0.40 9.53 15.83
CA GLY A 27 -1.31 8.40 15.82
C GLY A 27 -1.81 7.98 17.19
N GLN A 28 -1.13 8.44 18.25
CA GLN A 28 -1.48 8.12 19.61
C GLN A 28 -2.44 9.14 20.22
N ARG A 29 -2.71 10.25 19.52
CA ARG A 29 -3.64 11.25 20.06
C ARG A 29 -5.02 10.65 20.27
N GLN A 30 -5.73 11.11 21.32
CA GLN A 30 -7.03 10.53 21.59
C GLN A 30 -7.99 10.71 20.42
N GLU A 31 -7.94 11.87 19.77
CA GLU A 31 -8.79 12.17 18.63
C GLU A 31 -8.53 11.22 17.47
N ASN A 32 -7.35 10.60 17.43
CA ASN A 32 -7.03 9.70 16.32
C ASN A 32 -7.19 8.21 16.66
N LYS A 33 -7.55 7.83 17.89
CA LYS A 33 -7.52 6.42 18.27
C LYS A 33 -8.45 5.57 17.39
N ASN A 34 -9.61 6.06 17.04
CA ASN A 34 -10.52 5.26 16.22
CA ASN A 34 -10.55 5.30 16.22
C ASN A 34 -10.23 5.38 14.74
N LYS A 35 -9.11 6.02 14.40
CA LYS A 35 -8.71 6.06 13.00
C LYS A 35 -7.66 4.99 12.68
N ASN A 36 -7.29 4.15 13.67
CA ASN A 36 -6.30 3.09 13.51
C ASN A 36 -6.99 1.76 13.64
N ARG A 37 -6.75 0.84 12.69
CA ARG A 37 -7.37 -0.47 12.82
C ARG A 37 -6.77 -1.23 14.00
N TYR A 38 -5.46 -1.08 14.23
CA TYR A 38 -4.73 -1.78 15.27
C TYR A 38 -4.02 -0.77 16.16
N LYS A 39 -4.18 -0.94 17.49
CA LYS A 39 -3.58 0.04 18.40
C LYS A 39 -2.05 0.09 18.28
N ASN A 40 -1.37 -1.01 17.86
CA ASN A 40 0.07 -1.06 17.86
C ASN A 40 0.70 -0.65 16.53
N ILE A 41 -0.09 -0.40 15.48
CA ILE A 41 0.48 -0.11 14.15
C ILE A 41 0.16 1.34 13.84
N LEU A 42 1.16 2.22 13.97
CA LEU A 42 0.96 3.65 13.85
C LEU A 42 2.01 4.23 12.91
N PRO A 43 1.66 5.30 12.22
CA PRO A 43 2.64 5.92 11.28
C PRO A 43 3.70 6.72 12.01
N PHE A 44 4.93 6.66 11.49
CA PHE A 44 5.92 7.63 12.00
C PHE A 44 5.45 9.04 11.72
N ASP A 45 5.69 9.94 12.69
CA ASP A 45 5.25 11.29 12.47
C ASP A 45 5.94 11.94 11.28
N HIS A 46 7.26 11.70 11.10
CA HIS A 46 8.00 12.50 10.13
C HIS A 46 7.72 12.14 8.69
N THR A 47 7.13 10.95 8.41
CA THR A 47 6.78 10.56 7.05
C THR A 47 5.28 10.35 6.89
N ARG A 48 4.48 10.66 7.90
CA ARG A 48 3.04 10.44 7.73
C ARG A 48 2.46 11.38 6.68
N VAL A 49 1.37 10.93 6.07
CA VAL A 49 0.65 11.79 5.16
C VAL A 49 -0.21 12.75 5.99
N VAL A 50 0.08 14.04 5.92
CA VAL A 50 -0.66 15.06 6.66
C VAL A 50 -1.80 15.57 5.78
N LEU A 51 -3.04 15.44 6.24
CA LEU A 51 -4.18 15.82 5.41
C LEU A 51 -4.54 17.29 5.65
N HIS A 52 -4.44 18.09 4.61
CA HIS A 52 -4.75 19.51 4.72
C HIS A 52 -6.21 19.75 4.35
N ASP A 53 -6.65 21.00 4.51
CA ASP A 53 -7.95 21.40 3.94
C ASP A 53 -9.14 20.66 4.57
N GLY A 54 -9.03 20.29 5.85
CA GLY A 54 -10.12 19.57 6.48
C GLY A 54 -11.23 20.49 6.95
N ASP A 55 -12.37 19.88 7.32
CA ASP A 55 -13.51 20.60 7.89
C ASP A 55 -13.04 21.44 9.09
N PRO A 56 -13.19 22.78 9.04
CA PRO A 56 -12.69 23.59 10.13
C PRO A 56 -13.41 23.36 11.44
N ASN A 57 -14.56 22.66 11.43
CA ASN A 57 -15.24 22.30 12.66
C ASN A 57 -14.61 21.11 13.37
N GLU A 58 -13.76 20.35 12.68
CA GLU A 58 -13.19 19.12 13.25
CA GLU A 58 -13.20 19.14 13.25
C GLU A 58 -11.89 19.49 13.96
N PRO A 59 -11.77 19.26 15.27
CA PRO A 59 -10.55 19.70 15.97
C PRO A 59 -9.28 19.04 15.43
N VAL A 60 -9.36 17.75 15.05
CA VAL A 60 -8.22 17.06 14.45
C VAL A 60 -8.70 16.49 13.12
N SER A 61 -8.26 17.12 12.02
CA SER A 61 -8.67 16.66 10.69
C SER A 61 -7.50 16.33 9.78
N ASP A 62 -6.28 16.24 10.30
CA ASP A 62 -5.07 16.10 9.48
C ASP A 62 -4.46 14.72 9.55
N TYR A 63 -5.18 13.72 10.07
CA TYR A 63 -4.56 12.42 10.35
C TYR A 63 -5.16 11.30 9.49
N ILE A 64 -4.26 10.50 8.89
CA ILE A 64 -4.63 9.19 8.36
C ILE A 64 -3.48 8.25 8.65
N ASN A 65 -3.79 6.98 8.88
CA ASN A 65 -2.73 6.02 9.18
C ASN A 65 -2.07 5.60 7.88
N ALA A 66 -1.06 6.39 7.47
CA ALA A 66 -0.44 6.24 6.15
C ALA A 66 0.89 6.96 6.19
N ASN A 67 1.85 6.42 5.44
CA ASN A 67 3.17 7.04 5.32
C ASN A 67 3.60 7.06 3.87
N ILE A 68 4.31 8.13 3.49
CA ILE A 68 5.05 8.16 2.21
C ILE A 68 6.24 7.22 2.32
N ILE A 69 6.43 6.39 1.30
CA ILE A 69 7.58 5.50 1.20
C ILE A 69 8.31 5.84 -0.09
N MET A 70 9.56 6.38 0.06
CA MET A 70 10.45 6.61 -1.09
C MET A 70 11.46 5.48 -1.21
N PRO A 71 11.64 4.94 -2.41
CA PRO A 71 12.63 3.88 -2.57
C PRO A 71 14.04 4.41 -2.54
N GLU A 72 14.21 5.67 -2.92
CA GLU A 72 15.51 6.31 -2.83
C GLU A 72 15.33 7.68 -2.21
N PHE A 73 16.42 8.22 -1.67
CA PHE A 73 16.31 9.48 -0.97
C PHE A 73 15.79 10.61 -1.85
N GLY A 74 16.11 10.61 -3.12
CA GLY A 74 15.61 11.78 -3.81
C GLY A 74 14.47 11.45 -4.71
N SER A 75 13.67 10.45 -4.36
CA SER A 75 12.67 9.97 -5.30
C SER A 75 11.63 11.03 -5.57
N SER A 76 11.18 11.07 -6.81
CA SER A 76 10.02 11.85 -7.15
C SER A 76 8.78 11.18 -6.57
N GLY A 77 7.73 11.98 -6.49
CA GLY A 77 6.42 11.43 -6.12
C GLY A 77 5.98 10.28 -6.99
N LYS A 78 6.25 10.36 -8.31
CA LYS A 78 5.78 9.32 -9.22
C LYS A 78 6.43 7.96 -8.93
N LYS A 79 7.67 7.96 -8.40
CA LYS A 79 8.43 6.76 -8.08
C LYS A 79 8.24 6.33 -6.62
N SER A 80 7.37 7.02 -5.89
CA SER A 80 7.17 6.76 -4.46
C SER A 80 5.84 6.02 -4.26
N TYR A 81 5.61 5.66 -3.00
CA TYR A 81 4.42 4.92 -2.61
C TYR A 81 3.82 5.59 -1.41
N ILE A 82 2.54 5.33 -1.16
CA ILE A 82 1.94 5.58 0.15
C ILE A 82 1.54 4.21 0.67
N ALA A 83 2.04 3.84 1.84
CA ALA A 83 1.62 2.60 2.50
C ALA A 83 0.58 2.95 3.55
N THR A 84 -0.58 2.29 3.45
CA THR A 84 -1.67 2.62 4.36
C THR A 84 -2.52 1.39 4.66
N GLN A 85 -3.31 1.52 5.73
CA GLN A 85 -4.25 0.46 6.06
C GLN A 85 -5.50 0.52 5.18
N GLY A 86 -6.18 -0.59 5.10
CA GLY A 86 -7.52 -0.58 4.50
C GLY A 86 -8.42 0.40 5.24
N CYS A 87 -9.35 1.00 4.50
CA CYS A 87 -10.26 1.97 5.13
C CYS A 87 -11.04 1.32 6.26
N LEU A 88 -11.29 2.11 7.31
CA LEU A 88 -12.32 1.83 8.31
C LEU A 88 -13.58 2.58 7.88
N GLN A 89 -14.74 2.17 8.47
CA GLN A 89 -15.99 2.83 8.11
CA GLN A 89 -15.99 2.83 8.11
C GLN A 89 -15.85 4.34 8.25
N ASN A 90 -15.13 4.80 9.27
CA ASN A 90 -14.99 6.22 9.54
C ASN A 90 -13.75 6.86 8.92
N THR A 91 -13.01 6.14 8.07
CA THR A 91 -11.86 6.77 7.42
C THR A 91 -11.93 6.70 5.90
N VAL A 92 -13.05 6.25 5.32
CA VAL A 92 -13.20 6.28 3.87
C VAL A 92 -13.05 7.68 3.30
N ASN A 93 -13.69 8.69 3.93
CA ASN A 93 -13.59 10.03 3.39
C ASN A 93 -12.14 10.54 3.49
N ASP A 94 -11.45 10.23 4.58
CA ASP A 94 -10.06 10.66 4.75
C ASP A 94 -9.17 10.00 3.70
N PHE A 95 -9.44 8.74 3.38
CA PHE A 95 -8.70 8.03 2.32
C PHE A 95 -8.83 8.76 0.98
N TRP A 96 -10.05 9.19 0.62
CA TRP A 96 -10.13 9.88 -0.67
C TRP A 96 -9.52 11.28 -0.61
N ARG A 97 -9.61 11.97 0.54
CA ARG A 97 -8.85 13.21 0.72
C ARG A 97 -7.37 12.98 0.43
N MET A 98 -6.82 11.87 0.96
CA MET A 98 -5.42 11.57 0.74
C MET A 98 -5.12 11.34 -0.73
N VAL A 99 -5.92 10.52 -1.40
CA VAL A 99 -5.67 10.20 -2.81
C VAL A 99 -5.71 11.49 -3.62
N PHE A 100 -6.70 12.33 -3.35
CA PHE A 100 -6.82 13.58 -4.11
C PHE A 100 -5.63 14.50 -3.86
N GLN A 101 -5.34 14.78 -2.59
CA GLN A 101 -4.28 15.71 -2.24
C GLN A 101 -2.93 15.28 -2.78
N GLU A 102 -2.61 13.99 -2.72
CA GLU A 102 -1.29 13.53 -3.14
C GLU A 102 -1.22 13.23 -4.62
N ASN A 103 -2.33 13.44 -5.35
CA ASN A 103 -2.35 13.28 -6.80
C ASN A 103 -2.09 11.82 -7.18
N SER A 104 -2.41 10.88 -6.28
CA SER A 104 -2.28 9.46 -6.61
C SER A 104 -3.23 9.04 -7.72
N ARG A 105 -2.72 8.26 -8.66
CA ARG A 105 -3.49 7.78 -9.80
C ARG A 105 -3.63 6.28 -9.87
N VAL A 106 -2.93 5.54 -8.97
CA VAL A 106 -3.01 4.10 -8.95
C VAL A 106 -3.13 3.68 -7.49
N ILE A 107 -4.05 2.76 -7.21
CA ILE A 107 -4.21 2.17 -5.87
C ILE A 107 -4.00 0.67 -6.04
N VAL A 108 -3.23 0.07 -5.14
CA VAL A 108 -3.04 -1.37 -5.09
C VAL A 108 -3.69 -1.89 -3.82
N MET A 109 -4.73 -2.72 -3.95
CA MET A 109 -5.42 -3.30 -2.81
C MET A 109 -5.00 -4.76 -2.73
N THR A 110 -4.47 -5.18 -1.59
CA THR A 110 -3.86 -6.51 -1.45
C THR A 110 -4.68 -7.47 -0.64
N THR A 111 -5.93 -7.13 -0.30
CA THR A 111 -6.80 -7.99 0.49
C THR A 111 -8.17 -8.03 -0.18
N LYS A 112 -8.96 -9.00 0.25
CA LYS A 112 -10.42 -8.83 0.07
C LYS A 112 -10.94 -7.79 1.08
N GLU A 113 -12.22 -7.42 0.96
CA GLU A 113 -12.83 -6.58 1.99
C GLU A 113 -12.89 -7.29 3.33
N VAL A 114 -13.19 -8.59 3.31
CA VAL A 114 -13.32 -9.44 4.50
C VAL A 114 -12.57 -10.73 4.23
N GLU A 115 -11.75 -11.17 5.18
CA GLU A 115 -11.14 -12.50 5.13
C GLU A 115 -11.38 -13.18 6.47
N ARG A 116 -11.81 -14.44 6.45
CA ARG A 116 -12.05 -15.19 7.68
C ARG A 116 -12.87 -14.37 8.67
N GLY A 117 -13.93 -13.75 8.14
CA GLY A 117 -14.89 -13.07 9.03
C GLY A 117 -14.42 -11.77 9.66
N LYS A 118 -13.27 -11.25 9.23
CA LYS A 118 -12.71 -10.01 9.77
C LYS A 118 -12.59 -9.00 8.64
N SER A 119 -12.97 -7.76 8.93
CA SER A 119 -12.89 -6.67 7.96
C SER A 119 -11.43 -6.25 7.78
N LYS A 120 -10.93 -6.36 6.55
CA LYS A 120 -9.59 -5.89 6.21
C LYS A 120 -9.61 -4.55 5.48
N CYS A 121 -10.76 -4.18 4.92
CA CYS A 121 -10.91 -2.91 4.22
C CYS A 121 -12.38 -2.70 3.98
N VAL A 122 -12.96 -1.62 4.46
CA VAL A 122 -14.34 -1.31 4.08
C VAL A 122 -14.37 -0.81 2.64
N LYS A 123 -15.41 -1.19 1.90
CA LYS A 123 -15.55 -0.82 0.50
C LYS A 123 -15.58 0.69 0.36
N TYR A 124 -14.67 1.22 -0.44
CA TYR A 124 -14.50 2.66 -0.62
C TYR A 124 -14.68 3.06 -2.07
N TRP A 125 -15.16 2.13 -2.92
CA TRP A 125 -15.45 2.44 -4.31
C TRP A 125 -16.91 2.15 -4.58
N PRO A 126 -17.51 2.87 -5.55
CA PRO A 126 -18.90 2.55 -5.95
C PRO A 126 -18.98 1.23 -6.68
N ASP A 127 -20.22 0.70 -6.74
CA ASP A 127 -20.47 -0.41 -7.66
C ASP A 127 -20.25 0.06 -9.09
N GLU A 128 -20.01 -0.92 -9.97
CA GLU A 128 -19.70 -0.64 -11.36
C GLU A 128 -20.78 0.25 -11.97
N TYR A 129 -20.33 1.33 -12.60
CA TYR A 129 -21.09 2.36 -13.32
C TYR A 129 -21.74 3.37 -12.38
N ALA A 130 -21.65 3.19 -11.05
CA ALA A 130 -22.30 4.08 -10.10
C ALA A 130 -21.39 5.22 -9.66
N LEU A 131 -22.02 6.26 -9.12
CA LEU A 131 -21.40 7.50 -8.68
C LEU A 131 -21.69 7.63 -7.19
N LYS A 132 -20.65 7.94 -6.38
CA LYS A 132 -20.88 8.13 -4.95
C LYS A 132 -20.13 9.35 -4.46
N GLU A 133 -20.68 10.00 -3.44
CA GLU A 133 -19.99 11.10 -2.78
C GLU A 133 -19.39 10.57 -1.49
N TYR A 134 -18.11 10.87 -1.26
CA TYR A 134 -17.42 10.51 -0.04
C TYR A 134 -16.94 11.81 0.55
N GLY A 135 -17.76 12.38 1.44
CA GLY A 135 -17.42 13.72 1.91
C GLY A 135 -17.48 14.71 0.76
N VAL A 136 -16.42 15.51 0.61
CA VAL A 136 -16.30 16.48 -0.49
C VAL A 136 -15.88 15.85 -1.82
N MET A 137 -15.52 14.56 -1.83
CA MET A 137 -15.03 13.89 -3.02
C MET A 137 -16.16 13.16 -3.73
N ARG A 138 -16.10 13.12 -5.05
CA ARG A 138 -17.05 12.37 -5.87
C ARG A 138 -16.28 11.33 -6.64
N VAL A 139 -16.76 10.09 -6.61
CA VAL A 139 -16.10 9.01 -7.34
C VAL A 139 -17.11 8.30 -8.24
N ARG A 140 -16.73 8.08 -9.49
CA ARG A 140 -17.51 7.24 -10.39
C ARG A 140 -16.72 5.97 -10.67
N ASN A 141 -17.35 4.82 -10.58
CA ASN A 141 -16.72 3.59 -11.06
C ASN A 141 -17.10 3.49 -12.53
N VAL A 142 -16.15 3.79 -13.41
CA VAL A 142 -16.43 3.80 -14.86
C VAL A 142 -16.55 2.39 -15.39
N LYS A 143 -15.60 1.49 -15.03
CA LYS A 143 -15.59 0.17 -15.64
C LYS A 143 -14.73 -0.75 -14.79
N GLU A 144 -15.16 -1.99 -14.65
CA GLU A 144 -14.35 -3.05 -14.04
C GLU A 144 -13.88 -4.05 -15.10
N SER A 145 -12.64 -4.48 -14.99
CA SER A 145 -12.05 -5.49 -15.85
C SER A 145 -11.50 -6.62 -14.98
N ALA A 146 -12.03 -7.82 -15.12
CA ALA A 146 -11.61 -8.93 -14.28
C ALA A 146 -10.51 -9.69 -14.97
N ALA A 147 -9.48 -10.01 -14.22
CA ALA A 147 -8.40 -10.91 -14.56
C ALA A 147 -8.45 -12.09 -13.60
N HIS A 148 -7.51 -13.02 -13.82
CA HIS A 148 -7.53 -14.23 -13.02
C HIS A 148 -7.32 -13.91 -11.52
N ASP A 149 -6.32 -13.08 -11.23
CA ASP A 149 -5.95 -12.86 -9.83
C ASP A 149 -6.40 -11.51 -9.31
N TYR A 150 -6.93 -10.62 -10.18
CA TYR A 150 -7.22 -9.28 -9.73
C TYR A 150 -8.34 -8.73 -10.58
N THR A 151 -8.92 -7.64 -10.09
CA THR A 151 -9.90 -6.83 -10.82
C THR A 151 -9.32 -5.42 -10.93
N LEU A 152 -9.41 -4.80 -12.09
CA LEU A 152 -9.04 -3.44 -12.31
C LEU A 152 -10.31 -2.61 -12.33
N ARG A 153 -10.36 -1.56 -11.54
CA ARG A 153 -11.51 -0.64 -11.56
C ARG A 153 -11.02 0.74 -11.97
N GLU A 154 -11.58 1.26 -13.05
CA GLU A 154 -11.24 2.60 -13.54
C GLU A 154 -12.18 3.53 -12.83
N LEU A 155 -11.66 4.36 -11.96
CA LEU A 155 -12.43 5.27 -11.14
C LEU A 155 -12.15 6.69 -11.60
N LYS A 156 -13.15 7.56 -11.50
CA LYS A 156 -12.93 8.98 -11.76
C LYS A 156 -13.21 9.74 -10.48
N LEU A 157 -12.21 10.48 -10.01
CA LEU A 157 -12.27 11.18 -8.75
C LEU A 157 -12.28 12.68 -9.02
N SER A 158 -13.19 13.40 -8.38
CA SER A 158 -13.22 14.85 -8.49
C SER A 158 -13.62 15.43 -7.15
N LYS A 159 -13.33 16.74 -6.97
CA LYS A 159 -13.71 17.45 -5.76
C LYS A 159 -15.02 18.19 -6.02
N VAL A 160 -16.11 17.80 -5.30
CA VAL A 160 -17.40 18.51 -5.41
C VAL A 160 -17.17 20.00 -5.19
N GLY A 161 -17.71 20.82 -6.08
CA GLY A 161 -17.61 22.26 -5.92
C GLY A 161 -16.28 22.86 -6.31
N GLN A 162 -15.56 22.22 -7.22
CA GLN A 162 -14.35 22.72 -7.84
C GLN A 162 -14.29 21.99 -9.18
N GLY A 163 -14.44 22.71 -10.30
CA GLY A 163 -14.54 22.06 -11.59
C GLY A 163 -13.23 22.07 -12.37
N ASN A 164 -12.99 20.95 -13.08
CA ASN A 164 -11.72 20.56 -13.71
C ASN A 164 -10.76 19.97 -12.69
N THR A 165 -11.27 19.35 -11.63
CA THR A 165 -10.39 18.62 -10.70
C THR A 165 -10.42 17.13 -10.96
N GLU A 166 -11.20 16.69 -11.94
CA GLU A 166 -11.36 15.27 -12.15
C GLU A 166 -10.08 14.61 -12.64
N ARG A 167 -9.81 13.41 -12.13
CA ARG A 167 -8.71 12.62 -12.65
C ARG A 167 -9.09 11.15 -12.49
N THR A 168 -8.52 10.33 -13.36
CA THR A 168 -8.76 8.90 -13.32
C THR A 168 -7.84 8.27 -12.28
N VAL A 169 -8.42 7.42 -11.43
CA VAL A 169 -7.66 6.66 -10.44
C VAL A 169 -7.90 5.19 -10.75
N TRP A 170 -6.82 4.44 -10.97
CA TRP A 170 -6.88 3.07 -11.40
C TRP A 170 -6.66 2.21 -10.17
N GLN A 171 -7.69 1.47 -9.76
CA GLN A 171 -7.59 0.57 -8.61
C GLN A 171 -7.33 -0.85 -9.08
N TYR A 172 -6.14 -1.36 -8.74
CA TYR A 172 -5.74 -2.73 -9.00
C TYR A 172 -6.01 -3.55 -7.75
N HIS A 173 -7.06 -4.35 -7.76
CA HIS A 173 -7.50 -5.08 -6.57
C HIS A 173 -7.09 -6.54 -6.70
N PHE A 174 -6.01 -6.92 -6.00
CA PHE A 174 -5.56 -8.30 -5.96
C PHE A 174 -6.50 -9.09 -5.08
N ARG A 175 -7.12 -10.14 -5.62
CA ARG A 175 -8.19 -10.85 -4.93
C ARG A 175 -7.89 -12.27 -4.48
N THR A 176 -6.77 -12.88 -4.90
CA THR A 176 -6.54 -14.27 -4.59
C THR A 176 -5.42 -14.50 -3.61
N TRP A 177 -4.92 -13.46 -2.94
CA TRP A 177 -3.93 -13.76 -1.92
C TRP A 177 -4.52 -14.71 -0.87
N PRO A 178 -3.80 -15.73 -0.41
CA PRO A 178 -4.40 -16.70 0.52
C PRO A 178 -4.71 -16.09 1.88
N ASP A 179 -5.69 -16.69 2.56
CA ASP A 179 -6.06 -16.19 3.88
C ASP A 179 -4.93 -16.35 4.87
N HIS A 180 -4.11 -17.39 4.69
CA HIS A 180 -2.95 -17.62 5.53
C HIS A 180 -1.73 -17.76 4.62
N GLY A 181 -0.57 -17.31 5.11
CA GLY A 181 0.67 -17.46 4.35
C GLY A 181 0.73 -16.57 3.13
N VAL A 182 1.46 -17.02 2.13
CA VAL A 182 1.73 -16.28 0.90
C VAL A 182 1.41 -17.17 -0.28
N PRO A 183 1.27 -16.60 -1.49
CA PRO A 183 1.08 -17.47 -2.68
C PRO A 183 2.28 -18.41 -2.85
N SER A 184 2.00 -19.61 -3.35
CA SER A 184 3.10 -20.58 -3.45
C SER A 184 4.03 -20.30 -4.63
N ASP A 185 3.66 -19.44 -5.54
CA ASP A 185 4.65 -18.93 -6.47
C ASP A 185 4.25 -17.51 -6.86
N PRO A 186 5.21 -16.71 -7.35
CA PRO A 186 4.97 -15.28 -7.49
C PRO A 186 4.43 -14.84 -8.84
N GLY A 187 4.12 -15.77 -9.75
CA GLY A 187 3.72 -15.34 -11.10
C GLY A 187 2.55 -14.36 -11.13
N GLY A 188 1.50 -14.65 -10.36
CA GLY A 188 0.36 -13.76 -10.38
C GLY A 188 0.70 -12.38 -9.88
N VAL A 189 1.48 -12.31 -8.77
CA VAL A 189 1.88 -11.01 -8.24
C VAL A 189 2.76 -10.25 -9.23
N LEU A 190 3.70 -10.95 -9.88
CA LEU A 190 4.57 -10.28 -10.86
C LEU A 190 3.77 -9.75 -12.06
N ASP A 191 2.84 -10.56 -12.58
CA ASP A 191 2.01 -10.09 -13.68
CA ASP A 191 2.02 -10.08 -13.68
C ASP A 191 1.21 -8.86 -13.27
N PHE A 192 0.68 -8.88 -12.05
CA PHE A 192 -0.10 -7.76 -11.52
C PHE A 192 0.76 -6.50 -11.41
N LEU A 193 1.96 -6.60 -10.79
CA LEU A 193 2.79 -5.43 -10.63
CA LEU A 193 2.84 -5.46 -10.62
C LEU A 193 3.34 -4.91 -11.95
N GLU A 194 3.51 -5.78 -12.95
CA GLU A 194 3.87 -5.32 -14.28
C GLU A 194 2.78 -4.40 -14.87
N GLU A 195 1.51 -4.78 -14.71
CA GLU A 195 0.40 -3.92 -15.16
C GLU A 195 0.33 -2.64 -14.35
N VAL A 196 0.48 -2.74 -13.01
CA VAL A 196 0.51 -1.54 -12.16
C VAL A 196 1.62 -0.60 -12.61
N HIS A 197 2.81 -1.15 -12.82
CA HIS A 197 3.95 -0.31 -13.19
C HIS A 197 3.71 0.40 -14.53
N HIS A 198 3.28 -0.35 -15.55
CA HIS A 198 3.02 0.28 -16.85
C HIS A 198 1.91 1.33 -16.76
N LYS A 199 0.87 1.07 -15.97
CA LYS A 199 -0.16 2.09 -15.81
C LYS A 199 0.40 3.35 -15.18
N GLN A 200 1.12 3.20 -14.04
CA GLN A 200 1.69 4.36 -13.37
C GLN A 200 2.63 5.13 -14.30
N GLU A 201 3.52 4.40 -14.99
CA GLU A 201 4.52 5.07 -15.84
C GLU A 201 3.85 5.90 -16.93
N SER A 202 2.67 5.46 -17.42
CA SER A 202 1.97 6.10 -18.53
C SER A 202 1.33 7.43 -18.16
N ILE A 203 1.19 7.75 -16.87
CA ILE A 203 0.45 8.93 -16.45
C ILE A 203 1.44 10.04 -16.09
N MET A 204 1.32 11.16 -16.79
CA MET A 204 2.27 12.25 -16.60
C MET A 204 2.09 12.86 -15.21
N ASP A 205 3.19 12.98 -14.47
CA ASP A 205 3.17 13.63 -13.15
C ASP A 205 2.20 12.96 -12.16
N ALA A 206 1.94 11.67 -12.33
CA ALA A 206 1.24 10.93 -11.27
C ALA A 206 1.94 11.09 -9.91
N GLY A 207 1.13 11.13 -8.85
CA GLY A 207 1.62 11.05 -7.49
C GLY A 207 1.94 9.61 -7.08
N PRO A 208 2.31 9.45 -5.81
CA PRO A 208 2.71 8.10 -5.33
C PRO A 208 1.60 7.07 -5.49
N VAL A 209 2.00 5.82 -5.71
CA VAL A 209 1.04 4.69 -5.78
C VAL A 209 0.63 4.34 -4.37
N VAL A 210 -0.69 4.29 -4.14
CA VAL A 210 -1.22 3.94 -2.82
C VAL A 210 -1.29 2.42 -2.73
N VAL A 211 -0.75 1.81 -1.66
CA VAL A 211 -0.79 0.37 -1.46
C VAL A 211 -1.38 0.11 -0.08
N HIS A 212 -2.36 -0.79 0.03
CA HIS A 212 -2.92 -1.08 1.34
C HIS A 212 -3.20 -2.56 1.58
N SER A 213 -3.19 -2.89 2.87
CA SER A 213 -3.49 -4.19 3.45
C SER A 213 -4.17 -3.89 4.78
N SER A 214 -4.56 -4.90 5.56
CA SER A 214 -5.35 -4.59 6.76
CA SER A 214 -5.34 -4.61 6.77
C SER A 214 -4.60 -3.65 7.70
N ALA A 215 -3.29 -3.87 7.88
CA ALA A 215 -2.52 -2.96 8.73
C ALA A 215 -1.67 -2.00 7.93
N GLY A 216 -1.49 -2.23 6.64
CA GLY A 216 -0.63 -1.38 5.84
C GLY A 216 0.84 -1.67 5.98
N ILE A 217 1.22 -2.88 6.42
CA ILE A 217 2.65 -3.16 6.60
C ILE A 217 3.11 -4.51 6.09
N GLY A 218 2.27 -5.58 6.19
CA GLY A 218 2.74 -6.95 5.88
C GLY A 218 2.66 -7.23 4.39
N ARG A 219 1.42 -7.44 3.91
CA ARG A 219 1.28 -7.56 2.48
C ARG A 219 1.66 -6.28 1.77
N THR A 220 1.38 -5.11 2.40
CA THR A 220 1.77 -3.85 1.78
C THR A 220 3.26 -3.78 1.58
N GLY A 221 4.03 -4.09 2.63
CA GLY A 221 5.49 -4.06 2.50
C GLY A 221 6.00 -5.08 1.50
N THR A 222 5.34 -6.24 1.42
CA THR A 222 5.79 -7.27 0.49
C THR A 222 5.60 -6.80 -0.96
N PHE A 223 4.41 -6.24 -1.29
CA PHE A 223 4.21 -5.73 -2.65
CA PHE A 223 4.16 -5.70 -2.61
C PHE A 223 5.15 -4.59 -2.96
N ILE A 224 5.30 -3.63 -2.03
CA ILE A 224 6.17 -2.48 -2.29
C ILE A 224 7.62 -2.92 -2.49
N VAL A 225 8.14 -3.80 -1.63
CA VAL A 225 9.57 -4.16 -1.79
C VAL A 225 9.78 -4.94 -3.09
N ILE A 226 8.85 -5.85 -3.45
CA ILE A 226 8.97 -6.51 -4.76
C ILE A 226 8.97 -5.48 -5.88
N ASP A 227 8.05 -4.50 -5.82
CA ASP A 227 7.96 -3.54 -6.91
C ASP A 227 9.26 -2.75 -7.01
N ILE A 228 9.81 -2.34 -5.87
CA ILE A 228 11.08 -1.58 -5.88
C ILE A 228 12.19 -2.41 -6.51
N LEU A 229 12.31 -3.67 -6.07
CA LEU A 229 13.44 -4.51 -6.55
C LEU A 229 13.31 -4.80 -8.04
N ILE A 230 12.11 -5.12 -8.53
CA ILE A 230 12.00 -5.41 -9.96
C ILE A 230 12.19 -4.16 -10.80
N ASP A 231 11.93 -2.96 -10.26
CA ASP A 231 12.23 -1.73 -11.01
C ASP A 231 13.73 -1.51 -11.10
N ILE A 232 14.49 -1.88 -10.07
CA ILE A 232 15.95 -1.80 -10.16
C ILE A 232 16.45 -2.69 -11.29
N ILE A 233 15.91 -3.90 -11.37
CA ILE A 233 16.27 -4.84 -12.44
C ILE A 233 15.82 -4.31 -13.80
N ARG A 234 14.61 -3.77 -13.87
CA ARG A 234 14.13 -3.14 -15.09
C ARG A 234 15.14 -2.12 -15.61
N GLU A 235 15.69 -1.29 -14.72
CA GLU A 235 16.57 -0.19 -15.11
C GLU A 235 18.01 -0.65 -15.33
N LYS A 236 18.56 -1.38 -14.38
CA LYS A 236 19.98 -1.72 -14.38
C LYS A 236 20.26 -3.12 -14.88
N GLY A 237 19.24 -3.90 -15.25
CA GLY A 237 19.42 -5.22 -15.81
C GLY A 237 19.62 -6.32 -14.78
N VAL A 238 19.56 -7.57 -15.28
CA VAL A 238 19.47 -8.73 -14.39
C VAL A 238 20.73 -9.08 -13.63
N ASP A 239 21.86 -8.43 -13.88
CA ASP A 239 23.06 -8.70 -13.09
C ASP A 239 23.36 -7.58 -12.10
N CYS A 240 22.43 -6.63 -11.93
CA CYS A 240 22.62 -5.58 -10.96
C CYS A 240 22.68 -6.17 -9.56
N ASP A 241 23.27 -5.43 -8.64
CA ASP A 241 23.27 -5.88 -7.26
C ASP A 241 21.86 -5.71 -6.70
N ILE A 242 21.40 -6.72 -5.98
CA ILE A 242 20.10 -6.70 -5.28
C ILE A 242 20.36 -6.95 -3.82
N ASP A 243 19.85 -6.06 -2.97
CA ASP A 243 20.10 -6.15 -1.53
C ASP A 243 18.74 -6.13 -0.83
N VAL A 244 18.18 -7.31 -0.59
CA VAL A 244 16.84 -7.37 -0.01
C VAL A 244 16.82 -6.81 1.41
N PRO A 245 17.72 -7.22 2.32
CA PRO A 245 17.67 -6.64 3.66
C PRO A 245 17.81 -5.13 3.62
N LYS A 246 18.70 -4.58 2.78
CA LYS A 246 18.88 -3.12 2.80
C LYS A 246 17.62 -2.42 2.29
N THR A 247 16.94 -3.02 1.33
CA THR A 247 15.72 -2.41 0.80
C THR A 247 14.62 -2.46 1.84
N ILE A 248 14.51 -3.59 2.57
CA ILE A 248 13.53 -3.63 3.66
C ILE A 248 13.90 -2.58 4.72
N GLN A 249 15.20 -2.44 5.02
CA GLN A 249 15.54 -1.41 6.00
C GLN A 249 15.17 -0.01 5.50
N MET A 250 15.38 0.27 4.21
CA MET A 250 14.99 1.57 3.67
C MET A 250 13.50 1.81 3.90
N VAL A 251 12.66 0.81 3.57
CA VAL A 251 11.24 1.12 3.71
C VAL A 251 10.83 1.14 5.18
N ARG A 252 11.45 0.31 6.04
CA ARG A 252 11.12 0.34 7.46
C ARG A 252 11.54 1.63 8.15
N SER A 253 12.50 2.39 7.56
CA SER A 253 12.80 3.71 8.12
C SER A 253 11.68 4.70 7.89
N GLN A 254 10.71 4.34 7.05
CA GLN A 254 9.64 5.24 6.71
C GLN A 254 8.26 4.77 7.20
N ARG A 255 8.10 3.49 7.52
CA ARG A 255 6.88 2.99 8.21
C ARG A 255 7.28 1.71 8.92
N SER A 256 6.93 1.56 10.20
CA SER A 256 7.55 0.44 10.94
C SER A 256 6.94 -0.89 10.54
N GLY A 257 7.76 -1.91 10.51
CA GLY A 257 7.24 -3.29 10.44
C GLY A 257 6.97 -3.76 9.02
N MET A 258 7.35 -2.98 8.03
CA MET A 258 7.10 -3.41 6.66
C MET A 258 7.72 -4.77 6.39
N VAL A 259 6.94 -5.68 5.82
CA VAL A 259 7.25 -7.09 5.61
C VAL A 259 7.20 -7.75 6.99
N GLN A 260 6.13 -8.51 7.24
CA GLN A 260 5.84 -9.02 8.57
C GLN A 260 6.34 -10.43 8.85
N THR A 261 6.48 -11.30 7.85
CA THR A 261 6.72 -12.72 8.12
C THR A 261 7.88 -13.24 7.29
N GLU A 262 8.48 -14.34 7.81
CA GLU A 262 9.51 -15.06 7.06
C GLU A 262 9.00 -15.60 5.74
N ALA A 263 7.72 -16.05 5.67
CA ALA A 263 7.18 -16.50 4.38
C ALA A 263 7.11 -15.33 3.38
N GLN A 264 6.74 -14.13 3.87
CA GLN A 264 6.78 -12.97 2.95
C GLN A 264 8.19 -12.65 2.51
N TYR A 265 9.15 -12.77 3.43
CA TYR A 265 10.54 -12.51 3.09
C TYR A 265 11.05 -13.47 2.01
N ARG A 266 10.74 -14.78 2.18
CA ARG A 266 11.11 -15.75 1.14
CA ARG A 266 11.11 -15.75 1.14
C ARG A 266 10.37 -15.46 -0.17
N PHE A 267 9.10 -15.06 -0.07
CA PHE A 267 8.35 -14.77 -1.28
C PHE A 267 9.00 -13.63 -2.06
N ILE A 268 9.52 -12.61 -1.37
CA ILE A 268 10.19 -11.51 -2.05
C ILE A 268 11.37 -12.02 -2.86
N TYR A 269 12.23 -12.83 -2.24
CA TYR A 269 13.35 -13.42 -2.97
C TYR A 269 12.86 -14.23 -4.17
N MET A 270 11.81 -15.03 -3.95
CA MET A 270 11.27 -15.83 -5.05
C MET A 270 10.81 -14.96 -6.21
N ALA A 271 10.14 -13.85 -5.90
CA ALA A 271 9.61 -13.00 -6.95
C ALA A 271 10.75 -12.37 -7.75
N VAL A 272 11.80 -11.94 -7.07
CA VAL A 272 12.94 -11.36 -7.76
C VAL A 272 13.57 -12.38 -8.69
N GLN A 273 13.76 -13.60 -8.20
CA GLN A 273 14.38 -14.64 -9.03
C GLN A 273 13.51 -14.98 -10.26
N HIS A 274 12.19 -15.12 -10.04
N HIS A 274 12.19 -15.08 -10.07
CA HIS A 274 11.22 -15.33 -11.12
CA HIS A 274 11.32 -15.34 -11.20
C HIS A 274 11.26 -14.20 -12.14
C HIS A 274 11.34 -14.18 -12.19
N TYR A 275 11.37 -12.94 -11.69
CA TYR A 275 11.43 -11.81 -12.63
C TYR A 275 12.71 -11.84 -13.44
N ILE A 276 13.85 -12.07 -12.78
CA ILE A 276 15.13 -12.23 -13.49
C ILE A 276 15.02 -13.30 -14.56
N GLU A 277 14.45 -14.46 -14.20
CA GLU A 277 14.30 -15.56 -15.14
C GLU A 277 13.45 -15.13 -16.34
N THR A 278 12.38 -14.40 -16.07
CA THR A 278 11.53 -13.92 -17.15
C THR A 278 12.31 -13.04 -18.12
N LEU A 279 13.17 -12.16 -17.59
CA LEU A 279 13.93 -11.27 -18.46
C LEU A 279 14.91 -12.02 -19.35
N GLN A 280 15.09 -13.31 -19.05
CA GLN A 280 15.99 -14.21 -19.80
C GLN A 280 15.21 -15.00 -20.85
N ARG A 281 14.12 -15.68 -20.47
CA ARG A 281 13.29 -16.39 -21.49
C ARG A 281 12.74 -15.37 -22.49
N ARG A 282 12.30 -14.20 -22.03
CA ARG A 282 11.71 -13.17 -22.91
C ARG A 282 11.97 -11.78 -22.33
N LYS B 3 -4.59 -13.31 20.21
CA LYS B 3 -6.07 -13.28 20.03
C LYS B 3 -6.68 -12.40 21.12
N GLY B 4 -7.55 -11.47 20.74
CA GLY B 4 -8.23 -10.55 21.66
C GLY B 4 -7.41 -9.36 22.17
N SER B 5 -6.12 -9.28 21.82
CA SER B 5 -5.31 -8.17 22.39
C SER B 5 -5.61 -6.84 21.70
N GLY B 6 -6.01 -6.89 20.42
CA GLY B 6 -6.26 -5.68 19.60
C GLY B 6 -5.02 -5.30 18.80
N ASP B 7 -4.04 -6.18 18.87
CA ASP B 7 -2.76 -6.00 18.17
C ASP B 7 -2.82 -6.67 16.81
N PTR B 8 -2.06 -6.14 15.87
CA PTR B 8 -1.95 -6.82 14.57
C PTR B 8 -0.93 -7.91 14.77
O PTR B 8 0.13 -7.62 15.24
CB PTR B 8 -1.26 -5.91 13.57
CG PTR B 8 -1.05 -6.41 12.16
CD1 PTR B 8 0.17 -6.22 11.57
CD2 PTR B 8 -2.06 -6.94 11.41
CE1 PTR B 8 0.40 -6.56 10.26
CE2 PTR B 8 -1.85 -7.31 10.09
CZ PTR B 8 -0.62 -7.08 9.51
OH PTR B 8 -0.33 -7.40 8.20
P PTR B 8 -0.99 -6.73 6.92
O1P PTR B 8 -0.51 -5.40 6.77
O2P PTR B 8 -2.40 -6.75 7.11
O3P PTR B 8 -0.60 -7.59 5.89
N MET B 9 -1.34 -9.11 14.43
CA MET B 9 -0.51 -10.32 14.37
C MET B 9 -0.66 -10.78 12.92
N PRO B 10 0.28 -10.67 11.95
CA PRO B 10 0.05 -11.22 10.62
C PRO B 10 0.31 -12.70 10.99
N MET B 11 -0.74 -13.49 11.22
CA MET B 11 -0.57 -14.83 11.80
C MET B 11 -1.91 -15.57 11.69
C1 GOL C . -14.13 -15.56 3.18
O1 GOL C . -14.19 -14.24 3.76
C2 GOL C . -12.61 -15.93 2.87
O2 GOL C . -11.86 -15.90 4.08
C3 GOL C . -12.13 -14.91 1.79
O3 GOL C . -10.83 -15.32 1.35
C1 GOL D . 7.97 5.32 19.34
O1 GOL D . 7.97 4.67 18.11
C2 GOL D . 6.48 5.77 19.62
O2 GOL D . 5.98 5.15 20.78
C3 GOL D . 6.64 7.33 19.76
O3 GOL D . 5.42 7.95 19.86
C1 GOL E . 11.28 -19.89 -1.16
O1 GOL E . 11.68 -20.89 -0.25
C2 GOL E . 12.30 -19.81 -2.34
O2 GOL E . 11.68 -20.18 -3.54
C3 GOL E . 12.88 -18.31 -2.41
O3 GOL E . 13.63 -18.19 -3.68
C1 GOL F . 17.72 0.64 -0.86
O1 GOL F . 18.89 1.40 -0.53
C2 GOL F . 17.54 0.51 -2.44
O2 GOL F . 18.46 1.24 -3.15
C3 GOL F . 16.04 0.91 -2.85
O3 GOL F . 15.21 0.92 -1.71
C1 GOL G . -17.24 10.92 -13.66
O1 GOL G . -17.10 12.12 -12.94
C2 GOL G . -18.64 10.93 -14.29
O2 GOL G . -18.95 9.71 -14.88
C3 GOL G . -19.57 11.28 -13.10
O3 GOL G . -20.51 12.23 -13.54
C1 EOH H . -8.41 -17.50 -2.55
C2 EOH H . -9.16 -16.25 -3.10
O EOH H . -8.76 -17.98 -1.21
#